data_7D36
#
_entry.id   7D36
#
_cell.length_a   102.531
_cell.length_b   102.531
_cell.length_c   170.115
_cell.angle_alpha   90.000
_cell.angle_beta   90.000
_cell.angle_gamma   120.000
#
_symmetry.space_group_name_H-M   'P 61 2 2'
#
loop_
_entity.id
_entity.type
_entity.pdbx_description
1 polymer 'Beta-secretase 1'
2 non-polymer 'IODIDE ION'
3 non-polymer GLYCEROL
4 non-polymer N-[3-[(3S)-1-azanyl-5-fluoranyl-3-methyl-4H-2,6-naphthyridin-3-yl]-4-fluoranyl-phenyl]-5-cyano-3-methyl-pyridine-2-carboxamide
5 water water
#
_entity_poly.entity_id   1
_entity_poly.type   'polypeptide(L)'
_entity_poly.pdbx_seq_one_letter_code
;GSHMLPRETDEEPEEPGRRGSFVEMVDNLRGKSGQGYYVEMTVGSPPQTLNILVDTGSSNFAVGAAPHPFLHRYYQRQLS
STYRDLRKGVYVPYTQGKWEGELGTDLVSIPHGPNVTVRANIAAITESDKFFINGSNWEGILGLAYAEIARPDDSLEPFF
DSLVKQTHVPNLFSLQLCGAGFPLNQSEVLASVGGSMIIGGIDHSLYTGSLWYTPIRREWYYEVIIVRVEINGQDLKMDC
KEYNYDKSIVDSGTTNLRLPKKVFEAAVKSIKAASSTEKFPDGFWLGEQLVCWQAGTTPWNIFPVISLYLMGEVTNQSFR
ITILPQQYLRPVEDVATSQDDCYKFAISQSSTGTVMGAVIMEGFYVVFDRARKRIGFAVSACHVHDEFRTAAVEGPFVTL
DMEDCGYNIPQTDEST
;
_entity_poly.pdbx_strand_id   A
#
loop_
_chem_comp.id
_chem_comp.type
_chem_comp.name
_chem_comp.formula
GOL non-polymer GLYCEROL 'C3 H8 O3'
GUC non-polymer N-[3-[(3S)-1-azanyl-5-fluoranyl-3-methyl-4H-2,6-naphthyridin-3-yl]-4-fluoranyl-phenyl]-5-cyano-3-methyl-pyridine-2-carboxamide 'C23 H18 F2 N6 O'
IOD non-polymer 'IODIDE ION' 'I -1'
#
# COMPACT_ATOMS: atom_id res chain seq x y z
N ARG A 19 -8.26 -5.67 22.43
CA ARG A 19 -8.01 -4.25 22.04
C ARG A 19 -6.66 -3.72 22.58
N GLY A 20 -5.94 -2.96 21.75
CA GLY A 20 -4.70 -2.30 22.16
C GLY A 20 -3.38 -3.04 21.98
N SER A 21 -3.43 -4.37 22.07
CA SER A 21 -2.25 -5.23 21.82
C SER A 21 -2.64 -6.61 21.27
N PHE A 22 -1.91 -7.02 20.24
CA PHE A 22 -2.21 -8.24 19.49
C PHE A 22 -0.90 -8.93 19.16
N VAL A 23 -0.16 -9.31 20.20
CA VAL A 23 1.19 -9.86 20.08
C VAL A 23 1.32 -10.99 19.03
N GLU A 24 0.24 -11.75 18.85
CA GLU A 24 0.21 -12.83 17.87
C GLU A 24 0.47 -12.30 16.45
N MET A 25 -0.03 -11.10 16.16
CA MET A 25 -0.03 -10.52 14.82
C MET A 25 1.14 -9.59 14.55
N VAL A 26 1.95 -9.32 15.57
CA VAL A 26 3.12 -8.47 15.39
C VAL A 26 4.13 -9.23 14.56
N ASP A 27 4.71 -8.54 13.56
CA ASP A 27 5.77 -9.09 12.72
C ASP A 27 5.26 -10.23 11.81
N ASN A 28 3.96 -10.21 11.48
CA ASN A 28 3.38 -11.24 10.61
C ASN A 28 3.53 -10.95 9.11
N LEU A 29 4.28 -9.90 8.77
CA LEU A 29 4.52 -9.55 7.38
C LEU A 29 5.97 -9.69 7.00
N ARG A 30 6.20 -10.19 5.79
CA ARG A 30 7.54 -10.32 5.24
C ARG A 30 7.56 -9.77 3.84
N GLY A 31 8.77 -9.62 3.32
CA GLY A 31 8.96 -9.17 1.95
C GLY A 31 10.40 -9.03 1.51
N LYS A 32 10.56 -8.72 0.23
CA LYS A 32 11.83 -8.28 -0.31
C LYS A 32 11.55 -6.87 -0.78
N SER A 33 12.47 -5.97 -0.46
CA SER A 33 12.42 -4.57 -0.91
C SER A 33 11.97 -4.51 -2.37
N GLY A 34 10.86 -3.81 -2.62
CA GLY A 34 10.35 -3.62 -3.97
C GLY A 34 9.42 -4.70 -4.49
N GLN A 35 9.34 -5.85 -3.81
CA GLN A 35 8.48 -6.96 -4.26
C GLN A 35 7.16 -7.11 -3.48
N GLY A 36 6.97 -6.27 -2.46
CA GLY A 36 5.71 -6.21 -1.74
C GLY A 36 5.69 -6.87 -0.36
N TYR A 37 4.61 -6.63 0.38
CA TYR A 37 4.47 -7.21 1.71
C TYR A 37 3.44 -8.36 1.69
N TYR A 38 3.84 -9.52 2.21
CA TYR A 38 2.98 -10.69 2.17
C TYR A 38 2.74 -11.26 3.55
N VAL A 39 1.54 -11.79 3.73
CA VAL A 39 1.16 -12.45 4.96
C VAL A 39 0.96 -13.94 4.66
N GLU A 40 1.13 -14.77 5.68
CA GLU A 40 0.85 -16.18 5.50
C GLU A 40 -0.63 -16.45 5.74
N MET A 41 -1.20 -17.28 4.88
CA MET A 41 -2.60 -17.61 4.91
C MET A 41 -2.77 -19.10 4.66
N THR A 42 -3.96 -19.63 4.94
CA THR A 42 -4.22 -21.01 4.60
C THR A 42 -5.53 -21.08 3.88
N VAL A 43 -5.57 -21.93 2.85
CA VAL A 43 -6.80 -22.21 2.11
C VAL A 43 -7.16 -23.69 2.12
N GLY A 44 -8.47 -23.98 2.23
CA GLY A 44 -8.99 -25.34 2.15
C GLY A 44 -8.81 -26.23 3.39
N SER A 45 -9.38 -27.45 3.30
CA SER A 45 -9.21 -28.49 4.34
C SER A 45 -8.73 -29.81 3.73
N PRO A 46 -7.62 -30.34 4.26
CA PRO A 46 -6.82 -29.72 5.33
C PRO A 46 -6.11 -28.43 4.83
N PRO A 47 -5.64 -27.57 5.76
CA PRO A 47 -5.13 -26.24 5.32
C PRO A 47 -3.91 -26.27 4.39
N GLN A 48 -3.99 -25.54 3.28
CA GLN A 48 -2.79 -25.34 2.45
C GLN A 48 -2.22 -23.94 2.69
N THR A 49 -0.96 -23.88 3.11
CA THR A 49 -0.27 -22.63 3.43
C THR A 49 0.23 -21.92 2.20
N LEU A 50 0.01 -20.61 2.13
CA LEU A 50 0.47 -19.78 1.03
C LEU A 50 0.88 -18.42 1.59
N ASN A 51 1.93 -17.83 1.00
CA ASN A 51 2.25 -16.43 1.22
C ASN A 51 1.48 -15.54 0.27
N ILE A 52 0.85 -14.51 0.83
CA ILE A 52 -0.15 -13.72 0.12
C ILE A 52 0.12 -12.22 0.25
N LEU A 53 0.31 -11.59 -0.89
CA LEU A 53 0.53 -10.15 -0.97
C LEU A 53 -0.64 -9.38 -0.34
N VAL A 54 -0.31 -8.43 0.55
CA VAL A 54 -1.30 -7.58 1.18
C VAL A 54 -1.52 -6.33 0.31
N ASP A 55 -2.71 -6.21 -0.26
CA ASP A 55 -2.98 -5.17 -1.28
C ASP A 55 -4.23 -4.34 -0.97
N THR A 56 -4.03 -3.10 -0.49
CA THR A 56 -5.18 -2.23 -0.22
C THR A 56 -5.68 -1.49 -1.47
N GLY A 57 -5.09 -1.80 -2.62
CA GLY A 57 -5.50 -1.19 -3.90
C GLY A 57 -6.35 -2.08 -4.79
N SER A 58 -6.77 -3.23 -4.28
CA SER A 58 -7.65 -4.13 -5.04
C SER A 58 -8.54 -4.89 -4.08
N SER A 59 -9.47 -5.66 -4.63
CA SER A 59 -10.53 -6.26 -3.82
C SER A 59 -10.75 -7.76 -4.01
N ASN A 60 -9.95 -8.40 -4.88
CA ASN A 60 -10.02 -9.85 -5.08
C ASN A 60 -9.00 -10.64 -4.27
N PHE A 61 -9.45 -11.72 -3.64
CA PHE A 61 -8.55 -12.74 -3.12
C PHE A 61 -8.25 -13.73 -4.25
N ALA A 62 -7.03 -13.65 -4.79
CA ALA A 62 -6.64 -14.41 -5.97
C ALA A 62 -5.32 -15.13 -5.68
N VAL A 63 -5.29 -16.44 -5.94
CA VAL A 63 -4.12 -17.26 -5.65
C VAL A 63 -3.75 -18.16 -6.82
N GLY A 64 -2.44 -18.33 -7.06
CA GLY A 64 -1.96 -19.32 -8.05
C GLY A 64 -2.60 -20.68 -7.80
N ALA A 65 -3.08 -21.32 -8.86
CA ALA A 65 -3.76 -22.62 -8.71
C ALA A 65 -3.18 -23.67 -9.66
N ALA A 66 -2.04 -23.37 -10.25
CA ALA A 66 -1.40 -24.22 -11.27
C ALA A 66 0.09 -24.00 -11.16
N PRO A 67 0.91 -25.00 -11.59
CA PRO A 67 2.38 -24.92 -11.42
C PRO A 67 3.12 -24.00 -12.38
N HIS A 68 2.85 -22.71 -12.31
CA HIS A 68 3.68 -21.72 -12.97
C HIS A 68 5.13 -21.89 -12.44
N PRO A 69 6.14 -21.78 -13.33
CA PRO A 69 7.54 -22.04 -12.89
C PRO A 69 8.07 -21.11 -11.76
N PHE A 70 7.55 -19.89 -11.68
CA PHE A 70 7.96 -18.92 -10.66
C PHE A 70 7.44 -19.23 -9.25
N LEU A 71 6.43 -20.08 -9.15
CA LEU A 71 5.73 -20.32 -7.90
C LEU A 71 6.37 -21.37 -7.01
N HIS A 72 6.56 -21.03 -5.74
CA HIS A 72 6.99 -22.00 -4.72
C HIS A 72 5.90 -23.03 -4.44
N ARG A 73 4.66 -22.66 -4.70
CA ARG A 73 3.50 -23.47 -4.35
C ARG A 73 2.23 -22.80 -4.88
N TYR A 74 1.11 -23.53 -4.83
CA TYR A 74 -0.13 -23.09 -5.45
C TYR A 74 -1.29 -23.87 -4.86
N TYR A 75 -2.48 -23.33 -4.98
CA TYR A 75 -3.69 -23.88 -4.38
C TYR A 75 -4.06 -25.14 -5.16
N GLN A 76 -4.10 -26.28 -4.49
CA GLN A 76 -4.51 -27.53 -5.12
C GLN A 76 -5.95 -27.86 -4.71
N ARG A 77 -6.91 -27.35 -5.49
CA ARG A 77 -8.32 -27.52 -5.20
C ARG A 77 -8.73 -28.98 -4.99
N GLN A 78 -8.11 -29.87 -5.77
CA GLN A 78 -8.39 -31.32 -5.66
C GLN A 78 -8.15 -31.88 -4.24
N LEU A 79 -7.27 -31.23 -3.45
CA LEU A 79 -6.93 -31.73 -2.10
C LEU A 79 -7.84 -31.23 -0.97
N SER A 80 -8.79 -30.35 -1.32
CA SER A 80 -9.60 -29.70 -0.32
C SER A 80 -11.02 -30.24 -0.34
N SER A 81 -11.45 -30.83 0.78
CA SER A 81 -12.82 -31.33 0.91
C SER A 81 -13.84 -30.21 0.99
N THR A 82 -13.38 -29.02 1.40
CA THR A 82 -14.27 -27.92 1.68
C THR A 82 -14.44 -26.95 0.51
N TYR A 83 -13.82 -27.30 -0.62
CA TYR A 83 -13.86 -26.48 -1.84
C TYR A 83 -15.21 -26.53 -2.53
N ARG A 84 -15.67 -25.40 -3.05
CA ARG A 84 -16.93 -25.33 -3.84
C ARG A 84 -16.80 -24.46 -5.08
N ASP A 85 -17.12 -25.05 -6.23
CA ASP A 85 -17.07 -24.36 -7.52
C ASP A 85 -18.19 -23.35 -7.63
N LEU A 86 -17.89 -22.16 -8.13
CA LEU A 86 -18.92 -21.19 -8.47
C LEU A 86 -19.23 -21.24 -9.97
N ARG A 87 -18.48 -22.10 -10.67
CA ARG A 87 -18.69 -22.37 -12.10
C ARG A 87 -18.79 -21.08 -12.89
N LYS A 88 -17.76 -20.26 -12.74
CA LYS A 88 -17.74 -18.91 -13.28
C LYS A 88 -16.28 -18.46 -13.35
N GLY A 89 -15.90 -17.89 -14.49
CA GLY A 89 -14.54 -17.40 -14.71
C GLY A 89 -14.42 -15.92 -14.43
N VAL A 90 -13.18 -15.46 -14.34
CA VAL A 90 -12.87 -14.04 -14.11
C VAL A 90 -11.57 -13.76 -14.84
N TYR A 91 -11.55 -12.67 -15.60
CA TYR A 91 -10.40 -12.27 -16.38
C TYR A 91 -10.05 -10.87 -15.98
N VAL A 92 -8.80 -10.64 -15.57
CA VAL A 92 -8.42 -9.38 -14.95
C VAL A 92 -7.21 -8.75 -15.64
N PRO A 93 -7.46 -7.82 -16.57
CA PRO A 93 -6.33 -7.13 -17.19
C PRO A 93 -5.85 -5.92 -16.41
N TYR A 94 -4.53 -5.74 -16.43
CA TYR A 94 -3.88 -4.53 -15.95
C TYR A 94 -3.14 -3.93 -17.12
N THR A 95 -2.60 -2.72 -16.93
CA THR A 95 -1.80 -2.10 -17.98
C THR A 95 -0.51 -2.89 -18.16
N GLN A 96 0.03 -3.35 -17.03
CA GLN A 96 1.15 -4.28 -17.00
C GLN A 96 0.63 -5.70 -16.76
N GLY A 97 0.37 -6.42 -17.86
CA GLY A 97 -0.01 -7.85 -17.80
C GLY A 97 -1.45 -8.19 -17.43
N LYS A 98 -1.62 -9.28 -16.67
CA LYS A 98 -2.95 -9.79 -16.36
C LYS A 98 -2.96 -11.13 -15.59
N TRP A 99 -4.13 -11.47 -15.05
CA TRP A 99 -4.37 -12.81 -14.56
C TRP A 99 -5.78 -13.20 -14.87
N GLU A 100 -5.97 -14.51 -15.08
CA GLU A 100 -7.28 -15.09 -15.32
C GLU A 100 -7.50 -16.25 -14.34
N GLY A 101 -8.73 -16.39 -13.86
CA GLY A 101 -9.03 -17.44 -12.91
C GLY A 101 -10.43 -18.02 -12.87
N GLU A 102 -10.56 -19.07 -12.08
CA GLU A 102 -11.81 -19.77 -11.85
C GLU A 102 -12.25 -19.48 -10.42
N LEU A 103 -13.50 -19.04 -10.29
CA LEU A 103 -14.06 -18.67 -9.00
C LEU A 103 -14.65 -19.84 -8.22
N GLY A 104 -14.35 -19.86 -6.93
CA GLY A 104 -14.87 -20.80 -5.98
C GLY A 104 -14.92 -20.16 -4.59
N THR A 105 -15.22 -20.96 -3.58
CA THR A 105 -15.13 -20.55 -2.17
C THR A 105 -14.44 -21.68 -1.44
N ASP A 106 -13.85 -21.36 -0.30
CA ASP A 106 -13.25 -22.39 0.54
C ASP A 106 -13.01 -21.80 1.92
N LEU A 107 -12.55 -22.65 2.84
CA LEU A 107 -12.20 -22.24 4.17
C LEU A 107 -10.83 -21.54 4.18
N VAL A 108 -10.80 -20.32 4.70
CA VAL A 108 -9.60 -19.51 4.70
C VAL A 108 -9.27 -19.09 6.13
N SER A 109 -8.00 -19.12 6.48
CA SER A 109 -7.61 -18.62 7.77
C SER A 109 -6.27 -17.91 7.67
N ILE A 110 -5.90 -17.21 8.74
CA ILE A 110 -4.64 -16.50 8.82
C ILE A 110 -3.90 -16.98 10.09
N PRO A 111 -2.95 -17.92 9.92
CA PRO A 111 -2.21 -18.45 11.06
C PRO A 111 -1.82 -17.39 12.10
N HIS A 112 -1.12 -16.33 11.67
CA HIS A 112 -0.70 -15.27 12.61
C HIS A 112 -1.67 -14.08 12.59
N GLY A 113 -2.95 -14.41 12.61
CA GLY A 113 -4.01 -13.41 12.69
C GLY A 113 -5.05 -13.88 13.69
N PRO A 114 -6.31 -13.46 13.51
CA PRO A 114 -7.32 -13.89 14.47
C PRO A 114 -7.53 -15.39 14.40
N ASN A 115 -7.96 -15.99 15.50
CA ASN A 115 -8.23 -17.42 15.52
C ASN A 115 -9.64 -17.74 15.01
N VAL A 116 -9.83 -17.54 13.70
CA VAL A 116 -11.09 -17.91 13.03
C VAL A 116 -10.81 -18.56 11.67
N THR A 117 -11.85 -19.16 11.11
CA THR A 117 -11.79 -19.74 9.80
C THR A 117 -13.04 -19.26 9.08
N VAL A 118 -12.89 -18.70 7.89
CA VAL A 118 -14.06 -18.21 7.18
C VAL A 118 -14.18 -18.82 5.80
N ARG A 119 -15.40 -18.83 5.28
CA ARG A 119 -15.64 -19.27 3.94
C ARG A 119 -15.59 -18.05 3.06
N ALA A 120 -14.53 -17.95 2.25
CA ALA A 120 -14.32 -16.77 1.39
C ALA A 120 -14.31 -17.15 -0.09
N ASN A 121 -14.59 -16.17 -0.94
CA ASN A 121 -14.34 -16.30 -2.35
C ASN A 121 -12.85 -16.39 -2.62
N ILE A 122 -12.49 -17.22 -3.61
CA ILE A 122 -11.11 -17.38 -4.06
C ILE A 122 -11.10 -17.50 -5.58
N ALA A 123 -10.34 -16.62 -6.22
CA ALA A 123 -10.05 -16.77 -7.64
C ALA A 123 -8.83 -17.69 -7.79
N ALA A 124 -9.06 -18.88 -8.32
CA ALA A 124 -8.00 -19.85 -8.55
C ALA A 124 -7.37 -19.48 -9.88
N ILE A 125 -6.21 -18.83 -9.83
CA ILE A 125 -5.54 -18.31 -11.03
C ILE A 125 -4.98 -19.44 -11.91
N THR A 126 -5.45 -19.50 -13.15
CA THR A 126 -5.15 -20.60 -14.06
C THR A 126 -4.32 -20.15 -15.26
N GLU A 127 -4.28 -18.84 -15.49
CA GLU A 127 -3.40 -18.26 -16.51
C GLU A 127 -3.04 -16.86 -16.10
N SER A 128 -1.82 -16.42 -16.42
CA SER A 128 -1.41 -15.07 -16.10
C SER A 128 -0.28 -14.55 -16.98
N ASP A 129 -0.12 -13.24 -17.00
CA ASP A 129 1.02 -12.63 -17.67
C ASP A 129 1.55 -11.48 -16.83
N LYS A 130 2.86 -11.47 -16.57
CA LYS A 130 3.49 -10.36 -15.80
C LYS A 130 2.85 -10.12 -14.42
N PHE A 131 2.25 -11.17 -13.88
CA PHE A 131 1.59 -11.07 -12.59
C PHE A 131 2.50 -11.59 -11.49
N PHE A 132 2.89 -12.86 -11.54
CA PHE A 132 3.82 -13.41 -10.55
C PHE A 132 5.22 -12.88 -10.83
N ILE A 133 6.05 -12.77 -9.81
CA ILE A 133 7.40 -12.22 -9.99
C ILE A 133 8.43 -13.31 -9.80
N ASN A 134 9.35 -13.40 -10.76
CA ASN A 134 10.43 -14.37 -10.75
C ASN A 134 11.39 -14.10 -9.62
N GLY A 135 11.44 -15.01 -8.65
CA GLY A 135 12.27 -14.80 -7.48
C GLY A 135 11.49 -14.33 -6.26
N SER A 136 10.21 -13.99 -6.43
CA SER A 136 9.39 -13.55 -5.31
C SER A 136 8.95 -14.74 -4.44
N ASN A 137 8.52 -14.47 -3.21
CA ASN A 137 8.15 -15.57 -2.31
C ASN A 137 6.66 -15.55 -1.97
N TRP A 138 5.84 -14.92 -2.81
CA TRP A 138 4.39 -14.99 -2.62
C TRP A 138 3.68 -15.60 -3.82
N GLU A 139 2.50 -16.17 -3.60
CA GLU A 139 1.84 -16.90 -4.67
C GLU A 139 0.36 -16.52 -4.84
N GLY A 140 0.00 -15.41 -4.22
CA GLY A 140 -1.34 -14.87 -4.31
C GLY A 140 -1.46 -13.43 -3.85
N ILE A 141 -2.67 -12.89 -3.91
CA ILE A 141 -2.91 -11.51 -3.51
C ILE A 141 -4.21 -11.37 -2.73
N LEU A 142 -4.16 -10.60 -1.64
CA LEU A 142 -5.34 -10.38 -0.82
C LEU A 142 -5.82 -8.96 -1.03
N GLY A 143 -6.89 -8.82 -1.81
CA GLY A 143 -7.48 -7.53 -2.06
C GLY A 143 -8.28 -7.08 -0.84
N LEU A 144 -7.80 -6.01 -0.18
CA LEU A 144 -8.42 -5.53 1.05
C LEU A 144 -9.34 -4.32 0.86
N ALA A 145 -9.43 -3.83 -0.38
CA ALA A 145 -10.36 -2.72 -0.70
C ALA A 145 -11.82 -3.24 -0.85
N TYR A 146 -12.73 -2.37 -1.26
CA TYR A 146 -14.19 -2.67 -1.20
C TYR A 146 -14.79 -3.35 -2.44
N ALA A 147 -15.99 -3.93 -2.27
CA ALA A 147 -16.66 -4.70 -3.32
C ALA A 147 -16.83 -3.93 -4.63
N GLU A 148 -16.98 -2.62 -4.56
CA GLU A 148 -17.22 -1.85 -5.78
C GLU A 148 -16.23 -2.15 -6.90
N ILE A 149 -14.97 -2.42 -6.55
CA ILE A 149 -13.93 -2.63 -7.55
C ILE A 149 -13.49 -4.10 -7.65
N ALA A 150 -14.26 -4.98 -7.00
CA ALA A 150 -14.09 -6.42 -7.16
C ALA A 150 -14.35 -6.84 -8.63
N ARG A 151 -13.64 -7.87 -9.10
CA ARG A 151 -13.95 -8.46 -10.41
C ARG A 151 -14.60 -9.83 -10.22
N PRO A 152 -15.62 -10.17 -11.05
CA PRO A 152 -16.14 -9.43 -12.22
C PRO A 152 -17.04 -8.23 -11.87
N ASP A 153 -17.61 -8.22 -10.66
CA ASP A 153 -18.52 -7.15 -10.24
C ASP A 153 -18.69 -7.19 -8.72
N ASP A 154 -19.52 -6.28 -8.19
CA ASP A 154 -19.60 -6.05 -6.74
C ASP A 154 -20.37 -7.08 -5.94
N SER A 155 -20.90 -8.10 -6.61
CA SER A 155 -21.56 -9.20 -5.90
C SER A 155 -20.55 -10.20 -5.37
N LEU A 156 -19.32 -10.15 -5.89
CA LEU A 156 -18.26 -11.03 -5.39
C LEU A 156 -17.67 -10.43 -4.11
N GLU A 157 -18.12 -10.97 -2.98
CA GLU A 157 -17.78 -10.47 -1.67
C GLU A 157 -16.28 -10.61 -1.33
N PRO A 158 -15.59 -9.47 -1.08
CA PRO A 158 -14.17 -9.47 -0.71
C PRO A 158 -13.94 -10.24 0.56
N PHE A 159 -12.72 -10.75 0.73
CA PHE A 159 -12.36 -11.50 1.91
C PHE A 159 -12.67 -10.79 3.23
N PHE A 160 -12.37 -9.50 3.34
CA PHE A 160 -12.49 -8.83 4.63
C PHE A 160 -13.97 -8.64 5.03
N ASP A 161 -14.80 -8.29 4.05
CA ASP A 161 -16.25 -8.36 4.24
C ASP A 161 -16.73 -9.73 4.74
N SER A 162 -16.29 -10.81 4.10
CA SER A 162 -16.64 -12.15 4.54
C SER A 162 -16.22 -12.40 5.97
N LEU A 163 -14.98 -12.00 6.27
CA LEU A 163 -14.40 -12.16 7.59
C LEU A 163 -15.22 -11.48 8.70
N VAL A 164 -15.67 -10.26 8.39
CA VAL A 164 -16.38 -9.44 9.36
C VAL A 164 -17.82 -9.94 9.53
N LYS A 165 -18.49 -10.23 8.41
CA LYS A 165 -19.85 -10.80 8.43
C LYS A 165 -19.90 -12.14 9.18
N GLN A 166 -18.87 -12.97 9.06
CA GLN A 166 -18.92 -14.36 9.54
C GLN A 166 -18.37 -14.58 10.95
N THR A 167 -17.66 -13.60 11.49
CA THR A 167 -17.06 -13.74 12.82
C THR A 167 -17.35 -12.49 13.68
N HIS A 168 -16.68 -12.40 14.83
CA HIS A 168 -16.77 -11.19 15.67
C HIS A 168 -15.55 -10.27 15.56
N VAL A 169 -14.77 -10.40 14.48
CA VAL A 169 -13.62 -9.52 14.23
C VAL A 169 -14.16 -8.12 13.94
N PRO A 170 -13.70 -7.09 14.70
CA PRO A 170 -14.11 -5.71 14.45
C PRO A 170 -13.74 -5.30 13.04
N ASN A 171 -14.60 -4.50 12.40
CA ASN A 171 -14.40 -4.07 11.03
C ASN A 171 -13.26 -3.06 10.88
N LEU A 172 -12.02 -3.50 11.12
CA LEU A 172 -10.86 -2.65 10.91
C LEU A 172 -9.56 -3.44 10.87
N PHE A 173 -8.59 -2.93 10.14
CA PHE A 173 -7.29 -3.56 10.14
C PHE A 173 -6.26 -2.46 10.08
N SER A 174 -5.06 -2.75 10.59
CA SER A 174 -4.01 -1.76 10.53
C SER A 174 -2.76 -2.34 9.95
N LEU A 175 -1.98 -1.48 9.33
CA LEU A 175 -0.74 -1.87 8.66
C LEU A 175 0.48 -1.10 9.13
N GLN A 176 1.47 -1.83 9.63
CA GLN A 176 2.80 -1.27 9.85
C GLN A 176 3.81 -1.88 8.87
N LEU A 177 4.13 -1.12 7.82
CA LEU A 177 5.11 -1.51 6.81
C LEU A 177 6.49 -0.91 7.13
N CYS A 178 7.46 -1.78 7.43
CA CYS A 178 8.75 -1.35 7.99
C CYS A 178 9.93 -1.13 7.06
N GLY A 179 9.88 -1.66 5.84
CA GLY A 179 10.96 -1.36 4.88
C GLY A 179 12.36 -1.81 5.31
N SER A 192 15.59 -7.62 3.26
CA SER A 192 14.34 -8.17 3.79
C SER A 192 13.54 -7.20 4.63
N VAL A 193 12.43 -6.75 4.06
CA VAL A 193 11.51 -5.89 4.77
C VAL A 193 10.58 -6.72 5.66
N GLY A 194 9.85 -6.03 6.55
CA GLY A 194 8.96 -6.67 7.52
C GLY A 194 7.82 -5.76 7.92
N GLY A 195 6.95 -6.25 8.79
CA GLY A 195 5.83 -5.43 9.22
C GLY A 195 4.77 -6.22 9.95
N SER A 196 3.67 -5.54 10.27
CA SER A 196 2.55 -6.15 10.95
C SER A 196 1.26 -5.78 10.25
N MET A 197 0.37 -6.74 10.13
CA MET A 197 -1.01 -6.50 9.75
C MET A 197 -1.86 -6.90 10.94
N ILE A 198 -2.37 -5.91 11.66
CA ILE A 198 -3.18 -6.20 12.83
C ILE A 198 -4.59 -6.21 12.34
N ILE A 199 -5.21 -7.39 12.41
CA ILE A 199 -6.53 -7.61 11.88
C ILE A 199 -7.50 -7.51 13.05
N GLY A 200 -8.53 -6.68 12.89
CA GLY A 200 -9.54 -6.48 13.93
C GLY A 200 -9.16 -5.48 15.00
N GLY A 201 -8.02 -4.81 14.83
CA GLY A 201 -7.60 -3.86 15.85
C GLY A 201 -6.36 -3.04 15.57
N ILE A 202 -5.93 -2.38 16.63
CA ILE A 202 -4.81 -1.47 16.61
C ILE A 202 -3.87 -1.92 17.72
N ASP A 203 -2.56 -1.84 17.48
CA ASP A 203 -1.55 -2.17 18.48
C ASP A 203 -0.68 -0.94 18.76
N HIS A 204 -0.84 -0.36 19.95
CA HIS A 204 -0.19 0.93 20.28
C HIS A 204 1.33 0.86 20.35
N SER A 205 1.90 -0.33 20.41
CA SER A 205 3.36 -0.46 20.36
C SER A 205 3.91 -0.18 18.97
N LEU A 206 3.03 -0.15 17.97
CA LEU A 206 3.49 0.03 16.58
C LEU A 206 3.65 1.49 16.20
N TYR A 207 3.15 2.38 17.04
CA TYR A 207 3.26 3.81 16.81
C TYR A 207 3.60 4.65 18.05
N THR A 208 4.08 5.85 17.77
CA THR A 208 4.32 6.88 18.76
C THR A 208 3.45 8.08 18.44
N GLY A 209 3.16 8.86 19.48
CA GLY A 209 2.30 10.02 19.37
C GLY A 209 0.87 9.62 19.08
N SER A 210 0.14 10.51 18.41
CA SER A 210 -1.29 10.36 18.22
C SER A 210 -1.66 9.92 16.80
N LEU A 211 -2.74 9.16 16.70
CA LEU A 211 -3.37 8.88 15.41
C LEU A 211 -4.14 10.11 14.93
N TRP A 212 -4.04 10.43 13.64
CA TRP A 212 -4.85 11.49 13.01
C TRP A 212 -5.60 10.82 11.86
N TYR A 213 -6.87 11.17 11.73
CA TYR A 213 -7.77 10.47 10.84
C TYR A 213 -8.23 11.34 9.69
N THR A 214 -8.33 10.73 8.50
CA THR A 214 -8.83 11.40 7.30
C THR A 214 -10.03 10.58 6.79
N PRO A 215 -11.12 11.25 6.36
CA PRO A 215 -12.30 10.46 5.95
C PRO A 215 -12.00 9.60 4.73
N ILE A 216 -12.53 8.38 4.68
CA ILE A 216 -12.56 7.62 3.42
C ILE A 216 -13.70 8.27 2.61
N ARG A 217 -13.36 8.94 1.52
CA ARG A 217 -14.34 9.69 0.73
C ARG A 217 -15.45 8.80 0.20
N ARG A 218 -15.05 7.67 -0.38
CA ARG A 218 -16.00 6.74 -0.93
C ARG A 218 -15.39 5.36 -0.84
N GLU A 219 -16.23 4.38 -0.52
CA GLU A 219 -15.78 3.01 -0.31
C GLU A 219 -15.67 2.18 -1.59
N TRP A 220 -14.57 2.35 -2.31
CA TRP A 220 -14.25 1.53 -3.47
C TRP A 220 -12.75 1.20 -3.37
N TYR A 221 -11.86 2.09 -3.80
CA TYR A 221 -10.50 2.08 -3.26
C TYR A 221 -10.54 2.71 -1.85
N TYR A 222 -9.40 2.73 -1.17
CA TYR A 222 -9.32 3.53 0.06
C TYR A 222 -9.03 4.99 -0.35
N GLU A 223 -10.12 5.68 -0.73
CA GLU A 223 -10.01 7.02 -1.30
C GLU A 223 -9.94 8.10 -0.22
N VAL A 224 -9.06 9.06 -0.40
CA VAL A 224 -8.94 10.18 0.54
C VAL A 224 -8.70 11.44 -0.26
N ILE A 225 -8.68 12.58 0.43
CA ILE A 225 -8.42 13.88 -0.18
C ILE A 225 -7.17 14.57 0.43
N ILE A 226 -6.25 14.96 -0.45
CA ILE A 226 -5.10 15.79 -0.13
C ILE A 226 -5.48 17.24 -0.39
N VAL A 227 -5.18 18.08 0.59
CA VAL A 227 -5.69 19.44 0.57
C VAL A 227 -4.55 20.41 0.45
N ARG A 228 -3.32 19.95 0.66
CA ARG A 228 -2.16 20.81 0.56
C ARG A 228 -0.88 19.98 0.50
N VAL A 229 0.07 20.43 -0.32
CA VAL A 229 1.34 19.75 -0.46
C VAL A 229 2.46 20.75 -0.20
N GLU A 230 3.40 20.37 0.66
CA GLU A 230 4.56 21.20 0.91
C GLU A 230 5.79 20.41 0.57
N ILE A 231 6.66 21.01 -0.23
CA ILE A 231 8.01 20.51 -0.36
C ILE A 231 8.87 21.35 0.55
N ASN A 232 9.36 20.73 1.60
CA ASN A 232 10.30 21.38 2.51
C ASN A 232 9.68 22.56 3.28
N GLY A 233 8.38 22.48 3.55
CA GLY A 233 7.68 23.56 4.23
C GLY A 233 7.10 24.55 3.25
N GLN A 234 7.47 24.44 1.99
CA GLN A 234 7.05 25.40 0.98
C GLN A 234 5.92 24.85 0.14
N ASP A 235 4.80 25.55 0.14
CA ASP A 235 3.61 25.15 -0.54
C ASP A 235 3.83 25.18 -2.06
N LEU A 236 3.12 24.33 -2.78
CA LEU A 236 3.19 24.25 -4.24
C LEU A 236 2.15 25.17 -4.87
N LYS A 237 1.16 25.57 -4.09
CA LYS A 237 0.20 26.60 -4.48
C LYS A 237 -0.53 26.20 -5.75
N MET A 238 -0.89 24.92 -5.84
CA MET A 238 -1.73 24.43 -6.90
C MET A 238 -3.16 24.35 -6.41
N ASP A 239 -4.13 24.54 -7.31
CA ASP A 239 -5.51 24.22 -6.97
C ASP A 239 -5.46 22.80 -6.42
N CYS A 240 -5.96 22.63 -5.19
CA CYS A 240 -5.88 21.35 -4.52
C CYS A 240 -6.68 20.26 -5.26
N LYS A 241 -7.53 20.68 -6.19
CA LYS A 241 -8.36 19.78 -7.01
C LYS A 241 -7.45 18.86 -7.81
N GLU A 242 -6.33 19.43 -8.24
CA GLU A 242 -5.32 18.73 -9.02
C GLU A 242 -4.69 17.58 -8.25
N TYR A 243 -4.59 17.74 -6.92
CA TYR A 243 -3.89 16.79 -6.03
C TYR A 243 -4.63 15.48 -5.97
N ASN A 244 -5.90 15.55 -6.32
CA ASN A 244 -6.84 14.46 -6.22
C ASN A 244 -7.54 14.22 -7.58
N TYR A 245 -6.80 14.48 -8.65
CA TYR A 245 -7.29 14.32 -10.03
C TYR A 245 -6.75 13.01 -10.62
N ASP A 246 -7.62 12.04 -10.82
CA ASP A 246 -9.04 12.13 -10.51
C ASP A 246 -9.35 11.46 -9.18
N LYS A 247 -8.30 10.98 -8.50
CA LYS A 247 -8.42 10.14 -7.31
C LYS A 247 -7.18 10.32 -6.44
N SER A 248 -7.32 10.17 -5.12
CA SER A 248 -6.14 9.87 -4.28
C SER A 248 -6.48 8.67 -3.42
N ILE A 249 -5.57 7.69 -3.40
CA ILE A 249 -5.85 6.43 -2.72
C ILE A 249 -4.65 6.01 -1.89
N VAL A 250 -4.92 5.16 -0.90
CA VAL A 250 -3.89 4.57 -0.09
C VAL A 250 -3.72 3.13 -0.52
N ASP A 251 -2.51 2.76 -0.94
CA ASP A 251 -2.31 1.48 -1.66
C ASP A 251 -1.04 0.72 -1.27
N SER A 252 -1.19 -0.38 -0.56
CA SER A 252 -0.02 -1.09 -0.10
C SER A 252 0.57 -1.97 -1.23
N GLY A 253 -0.16 -2.07 -2.34
CA GLY A 253 0.28 -2.86 -3.48
C GLY A 253 1.03 -2.05 -4.54
N THR A 254 1.43 -0.82 -4.17
CA THR A 254 2.21 0.06 -5.03
C THR A 254 3.42 0.50 -4.20
N THR A 255 4.60 0.45 -4.81
CA THR A 255 5.83 0.93 -4.19
C THR A 255 5.84 2.47 -4.11
N ASN A 256 5.50 3.11 -5.22
CA ASN A 256 5.75 4.54 -5.34
C ASN A 256 4.73 5.42 -4.64
N LEU A 257 5.16 6.66 -4.38
CA LEU A 257 4.24 7.76 -4.29
C LEU A 257 3.98 8.18 -5.71
N ARG A 258 2.80 7.89 -6.23
CA ARG A 258 2.44 8.28 -7.58
C ARG A 258 1.61 9.56 -7.53
N LEU A 259 1.91 10.51 -8.42
CA LEU A 259 1.30 11.86 -8.41
C LEU A 259 0.77 12.24 -9.77
N PRO A 260 -0.45 12.84 -9.85
CA PRO A 260 -0.96 13.26 -11.15
C PRO A 260 0.08 14.08 -11.92
N LYS A 261 0.10 13.94 -13.25
CA LYS A 261 1.20 14.49 -14.06
C LYS A 261 1.41 15.97 -13.76
N LYS A 262 0.32 16.74 -13.81
CA LYS A 262 0.40 18.18 -13.62
C LYS A 262 1.05 18.47 -12.25
N VAL A 263 0.61 17.75 -11.22
CA VAL A 263 1.15 17.85 -9.85
C VAL A 263 2.56 17.29 -9.74
N PHE A 264 2.83 16.17 -10.43
CA PHE A 264 4.18 15.60 -10.46
C PHE A 264 5.20 16.59 -11.05
N GLU A 265 4.78 17.24 -12.14
CA GLU A 265 5.58 18.29 -12.81
C GLU A 265 6.02 19.37 -11.83
N ALA A 266 5.03 20.01 -11.18
CA ALA A 266 5.30 21.05 -10.19
C ALA A 266 6.12 20.50 -9.02
N ALA A 267 5.78 19.26 -8.63
CA ALA A 267 6.38 18.63 -7.46
C ALA A 267 7.89 18.45 -7.63
N VAL A 268 8.30 17.80 -8.72
CA VAL A 268 9.73 17.61 -9.01
C VAL A 268 10.43 18.95 -9.37
N LYS A 269 9.72 19.86 -10.05
CA LYS A 269 10.26 21.20 -10.30
C LYS A 269 10.80 21.76 -8.97
N SER A 270 9.99 21.67 -7.93
CA SER A 270 10.38 22.15 -6.60
C SER A 270 11.43 21.25 -5.90
N ILE A 271 11.37 19.96 -6.13
CA ILE A 271 12.35 19.05 -5.52
C ILE A 271 13.71 19.20 -6.21
N LYS A 272 13.68 19.33 -7.55
CA LYS A 272 14.87 19.72 -8.32
C LYS A 272 15.56 20.94 -7.72
N ALA A 273 14.79 22.02 -7.55
CA ALA A 273 15.32 23.27 -6.98
C ALA A 273 15.86 23.11 -5.55
N ALA A 274 15.17 22.34 -4.72
CA ALA A 274 15.61 22.12 -3.33
C ALA A 274 16.97 21.42 -3.31
N SER A 275 17.28 20.70 -4.40
CA SER A 275 18.43 19.81 -4.43
C SER A 275 19.44 20.14 -5.54
N SER A 276 19.29 21.31 -6.15
CA SER A 276 20.17 21.78 -7.23
C SER A 276 21.64 21.88 -6.78
N THR A 277 21.87 21.87 -5.45
CA THR A 277 23.20 21.68 -4.83
C THR A 277 24.01 20.47 -5.39
N GLU A 278 23.32 19.53 -6.03
CA GLU A 278 23.98 18.47 -6.80
C GLU A 278 23.17 18.15 -8.06
N LYS A 279 23.86 17.69 -9.11
CA LYS A 279 23.23 17.46 -10.41
C LYS A 279 22.88 15.97 -10.65
N PHE A 280 21.75 15.74 -11.32
CA PHE A 280 21.34 14.40 -11.74
C PHE A 280 20.67 14.52 -13.11
N PRO A 281 20.90 13.53 -13.99
CA PRO A 281 20.29 13.59 -15.32
C PRO A 281 18.76 13.68 -15.25
N ASP A 282 18.15 14.28 -16.27
CA ASP A 282 16.71 14.46 -16.33
C ASP A 282 15.93 13.13 -16.41
N GLY A 283 16.64 12.05 -16.79
CA GLY A 283 16.08 10.68 -16.82
C GLY A 283 15.83 10.11 -15.43
N PHE A 284 16.73 10.44 -14.50
CA PHE A 284 16.60 10.01 -13.11
C PHE A 284 15.25 10.42 -12.48
N TRP A 285 14.87 11.69 -12.67
CA TRP A 285 13.59 12.21 -12.18
C TRP A 285 12.40 11.55 -12.87
N LEU A 286 12.66 10.91 -14.01
CA LEU A 286 11.61 10.18 -14.73
C LEU A 286 11.62 8.67 -14.43
N GLY A 287 12.52 8.26 -13.53
CA GLY A 287 12.68 6.85 -13.17
C GLY A 287 13.15 5.99 -14.34
N GLU A 288 13.81 6.63 -15.31
CA GLU A 288 14.39 5.99 -16.49
C GLU A 288 15.82 5.55 -16.23
N GLN A 289 16.40 6.06 -15.13
CA GLN A 289 17.77 5.72 -14.74
C GLN A 289 17.93 5.77 -13.23
N LEU A 290 18.81 4.92 -12.70
CA LEU A 290 19.16 4.97 -11.29
C LEU A 290 20.23 6.02 -11.05
N VAL A 291 20.39 6.38 -9.78
CA VAL A 291 21.47 7.26 -9.35
C VAL A 291 22.25 6.57 -8.23
N CYS A 292 23.57 6.60 -8.35
CA CYS A 292 24.41 5.93 -7.37
C CYS A 292 25.28 6.94 -6.63
N TRP A 293 25.62 6.60 -5.39
CA TRP A 293 26.68 7.28 -4.66
C TRP A 293 27.55 6.20 -4.05
N GLN A 294 28.79 6.57 -3.70
CA GLN A 294 29.67 5.70 -2.93
C GLN A 294 28.94 5.30 -1.64
N ALA A 295 29.15 4.05 -1.21
CA ALA A 295 28.52 3.50 -0.01
C ALA A 295 28.53 4.48 1.18
N GLY A 296 27.38 4.59 1.84
CA GLY A 296 27.20 5.49 2.99
C GLY A 296 27.45 6.95 2.69
N THR A 297 27.35 7.33 1.41
CA THR A 297 27.62 8.70 0.97
C THR A 297 26.40 9.42 0.39
N THR A 298 25.20 8.88 0.60
CA THR A 298 23.99 9.54 0.09
C THR A 298 23.78 10.85 0.84
N PRO A 299 23.66 11.95 0.08
CA PRO A 299 23.36 13.26 0.66
C PRO A 299 21.83 13.42 0.86
N TRP A 300 21.33 12.82 1.95
CA TRP A 300 19.91 12.89 2.30
C TRP A 300 19.49 14.35 2.48
N ASN A 301 20.35 15.11 3.16
CA ASN A 301 20.07 16.49 3.55
C ASN A 301 19.91 17.47 2.38
N ILE A 302 20.51 17.16 1.25
CA ILE A 302 20.28 17.93 0.02
C ILE A 302 18.87 17.67 -0.57
N PHE A 303 18.17 16.66 -0.05
CA PHE A 303 16.79 16.34 -0.43
C PHE A 303 15.76 16.82 0.63
N PRO A 304 14.64 17.40 0.16
CA PRO A 304 13.60 17.98 1.00
C PRO A 304 12.62 16.94 1.57
N VAL A 305 12.10 17.22 2.77
CA VAL A 305 11.00 16.46 3.31
C VAL A 305 9.75 16.79 2.51
N ILE A 306 8.81 15.86 2.44
CA ILE A 306 7.60 16.05 1.67
C ILE A 306 6.44 15.93 2.63
N SER A 307 5.45 16.81 2.47
CA SER A 307 4.31 16.87 3.38
C SER A 307 3.02 16.89 2.63
N LEU A 308 2.15 15.94 2.96
CA LEU A 308 0.81 16.01 2.42
C LEU A 308 -0.10 16.41 3.56
N TYR A 309 -0.96 17.38 3.31
CA TYR A 309 -2.00 17.71 4.26
C TYR A 309 -3.22 16.98 3.79
N LEU A 310 -3.86 16.28 4.72
CA LEU A 310 -5.04 15.51 4.43
C LEU A 310 -6.24 16.12 5.10
N MET A 311 -7.41 15.98 4.48
CA MET A 311 -8.65 16.41 5.09
C MET A 311 -8.79 15.76 6.47
N GLY A 312 -9.20 16.55 7.47
CA GLY A 312 -9.42 16.05 8.83
C GLY A 312 -10.85 15.61 9.13
N GLU A 313 -11.12 15.24 10.36
CA GLU A 313 -12.47 14.78 10.74
C GLU A 313 -13.48 15.92 10.92
N VAL A 314 -12.99 17.15 10.98
CA VAL A 314 -13.81 18.29 11.40
C VAL A 314 -13.77 19.32 10.30
N THR A 315 -14.91 19.97 10.04
CA THR A 315 -14.97 21.00 9.00
C THR A 315 -13.88 22.04 9.23
N ASN A 316 -13.18 22.40 8.14
CA ASN A 316 -12.03 23.33 8.15
C ASN A 316 -10.76 22.85 8.91
N GLN A 317 -10.75 21.59 9.33
CA GLN A 317 -9.61 21.04 10.05
C GLN A 317 -8.87 19.96 9.24
N SER A 318 -7.56 20.13 9.12
CA SER A 318 -6.71 19.22 8.41
C SER A 318 -5.54 18.78 9.31
N PHE A 319 -4.75 17.84 8.83
CA PHE A 319 -3.51 17.50 9.52
C PHE A 319 -2.49 17.23 8.44
N ARG A 320 -1.23 17.03 8.83
CA ARG A 320 -0.15 16.94 7.87
C ARG A 320 0.67 15.71 8.18
N ILE A 321 0.97 14.92 7.16
CA ILE A 321 1.96 13.84 7.28
C ILE A 321 3.24 14.19 6.50
N THR A 322 4.39 13.93 7.12
CA THR A 322 5.69 14.32 6.54
C THR A 322 6.59 13.09 6.31
N ILE A 323 6.97 12.82 5.06
CA ILE A 323 7.96 11.74 4.76
C ILE A 323 9.36 12.24 4.39
N LEU A 324 10.34 11.36 4.54
CA LEU A 324 11.76 11.66 4.25
C LEU A 324 12.23 11.17 2.87
N PRO A 325 13.40 11.65 2.41
CA PRO A 325 13.95 11.06 1.19
C PRO A 325 14.26 9.55 1.37
N GLN A 326 14.52 9.13 2.61
CA GLN A 326 14.60 7.73 2.99
C GLN A 326 13.42 6.92 2.42
N GLN A 327 12.26 7.55 2.38
CA GLN A 327 11.05 6.94 1.87
C GLN A 327 10.97 7.01 0.36
N TYR A 328 11.34 8.14 -0.24
CA TYR A 328 11.18 8.27 -1.70
C TYR A 328 12.41 7.97 -2.55
N LEU A 329 13.56 7.85 -1.91
CA LEU A 329 14.76 7.33 -2.59
C LEU A 329 14.97 5.90 -2.15
N ARG A 330 14.77 4.97 -3.07
CA ARG A 330 14.73 3.56 -2.71
C ARG A 330 15.95 2.76 -3.17
N PRO A 331 16.64 2.10 -2.21
CA PRO A 331 17.75 1.22 -2.57
C PRO A 331 17.33 0.25 -3.67
N VAL A 332 18.12 0.16 -4.73
CA VAL A 332 17.95 -0.96 -5.64
C VAL A 332 19.17 -1.88 -5.42
N GLU A 333 18.90 -3.03 -4.78
CA GLU A 333 19.93 -3.96 -4.35
C GLU A 333 20.46 -4.79 -5.52
N ASP A 334 19.54 -5.38 -6.29
CA ASP A 334 19.89 -6.22 -7.44
C ASP A 334 20.41 -5.39 -8.62
N VAL A 335 21.66 -4.95 -8.54
CA VAL A 335 22.35 -4.21 -9.60
C VAL A 335 23.77 -4.79 -9.77
N ALA A 336 23.95 -5.63 -10.79
CA ALA A 336 25.23 -6.32 -11.04
C ALA A 336 26.22 -5.52 -11.90
N THR A 337 25.73 -4.46 -12.55
CA THR A 337 26.57 -3.56 -13.34
C THR A 337 27.30 -2.52 -12.47
N SER A 338 27.02 -2.54 -11.15
CA SER A 338 27.58 -1.59 -10.17
C SER A 338 28.03 -2.26 -8.85
N GLN A 339 28.72 -1.49 -8.01
CA GLN A 339 29.09 -1.91 -6.65
C GLN A 339 28.72 -0.85 -5.59
N ASP A 340 27.99 0.20 -6.02
CA ASP A 340 27.65 1.36 -5.17
C ASP A 340 26.28 1.25 -4.47
N ASP A 341 25.90 2.31 -3.75
CA ASP A 341 24.53 2.48 -3.22
C ASP A 341 23.68 3.16 -4.29
N CYS A 342 23.00 2.37 -5.12
CA CYS A 342 22.15 2.90 -6.20
C CYS A 342 20.66 2.94 -5.83
N TYR A 343 20.04 4.10 -6.03
CA TYR A 343 18.65 4.32 -5.64
C TYR A 343 17.73 4.63 -6.82
N LYS A 344 16.45 4.32 -6.66
CA LYS A 344 15.45 4.79 -7.59
C LYS A 344 14.64 5.93 -6.94
N PHE A 345 14.45 7.01 -7.69
CA PHE A 345 13.55 8.06 -7.31
C PHE A 345 12.15 7.48 -7.42
N ALA A 346 11.47 7.37 -6.27
CA ALA A 346 10.21 6.65 -6.19
C ALA A 346 8.98 7.55 -6.15
N ILE A 347 9.09 8.72 -6.77
CA ILE A 347 7.93 9.56 -7.01
C ILE A 347 7.76 9.55 -8.52
N SER A 348 6.54 9.34 -8.99
CA SER A 348 6.32 9.10 -10.40
C SER A 348 4.96 9.59 -10.83
N GLN A 349 4.84 9.93 -12.10
CA GLN A 349 3.60 10.51 -12.60
C GLN A 349 2.47 9.48 -12.80
N SER A 350 1.23 9.95 -12.89
CA SER A 350 0.10 9.04 -12.93
C SER A 350 -1.12 9.59 -13.66
N SER A 351 -1.80 8.71 -14.39
CA SER A 351 -3.04 9.05 -15.04
C SER A 351 -4.27 8.61 -14.23
N THR A 352 -4.03 7.88 -13.14
CA THR A 352 -5.14 7.38 -12.33
C THR A 352 -5.34 8.10 -10.99
N GLY A 353 -4.44 9.04 -10.69
CA GLY A 353 -4.57 9.90 -9.53
C GLY A 353 -3.39 9.77 -8.61
N THR A 354 -3.49 10.33 -7.41
CA THR A 354 -2.41 10.17 -6.45
C THR A 354 -2.48 8.76 -5.90
N VAL A 355 -1.34 8.09 -5.80
CA VAL A 355 -1.31 6.81 -5.15
C VAL A 355 -0.35 6.92 -4.00
N MET A 356 -0.86 6.67 -2.80
CA MET A 356 -0.03 6.69 -1.61
C MET A 356 0.43 5.27 -1.32
N GLY A 357 1.55 4.90 -1.94
CA GLY A 357 2.08 3.55 -1.84
C GLY A 357 3.02 3.37 -0.69
N ALA A 358 3.88 2.37 -0.81
CA ALA A 358 4.80 2.02 0.26
C ALA A 358 5.76 3.15 0.62
N VAL A 359 5.96 4.09 -0.32
CA VAL A 359 6.79 5.28 -0.05
C VAL A 359 6.14 6.10 1.10
N ILE A 360 4.82 6.30 1.02
CA ILE A 360 4.10 6.93 2.12
C ILE A 360 3.97 6.00 3.33
N MET A 361 3.39 4.82 3.13
CA MET A 361 3.02 3.95 4.24
C MET A 361 4.18 3.52 5.13
N GLU A 362 5.40 3.46 4.59
CA GLU A 362 6.54 3.04 5.40
C GLU A 362 6.92 4.04 6.50
N GLY A 363 6.47 5.29 6.33
CA GLY A 363 6.65 6.31 7.36
C GLY A 363 5.72 6.18 8.55
N PHE A 364 4.64 5.43 8.38
CA PHE A 364 3.50 5.50 9.32
C PHE A 364 2.83 4.18 9.68
N TYR A 365 2.16 4.19 10.83
CA TYR A 365 1.22 3.16 11.19
C TYR A 365 -0.12 3.58 10.61
N VAL A 366 -0.71 2.72 9.79
CA VAL A 366 -1.87 3.13 9.03
C VAL A 366 -3.08 2.31 9.44
N VAL A 367 -4.14 2.99 9.87
CA VAL A 367 -5.29 2.31 10.43
C VAL A 367 -6.48 2.41 9.46
N PHE A 368 -6.91 1.28 8.92
CA PHE A 368 -8.01 1.31 7.96
C PHE A 368 -9.28 1.11 8.74
N ASP A 369 -9.82 2.21 9.24
CA ASP A 369 -10.95 2.16 10.17
C ASP A 369 -12.23 2.08 9.40
N ARG A 370 -12.52 0.89 8.88
CA ARG A 370 -13.66 0.72 7.99
C ARG A 370 -14.99 1.00 8.69
N ALA A 371 -15.12 0.59 9.95
CA ALA A 371 -16.33 0.86 10.74
C ALA A 371 -16.73 2.33 10.71
N ARG A 372 -15.75 3.22 10.81
CA ARG A 372 -16.03 4.65 10.88
C ARG A 372 -15.67 5.38 9.61
N LYS A 373 -15.34 4.59 8.59
CA LYS A 373 -15.12 5.12 7.26
C LYS A 373 -14.01 6.17 7.29
N ARG A 374 -12.87 5.81 7.86
CA ARG A 374 -11.76 6.77 7.98
C ARG A 374 -10.43 6.06 8.02
N ILE A 375 -9.35 6.78 7.70
CA ILE A 375 -8.02 6.22 7.78
C ILE A 375 -7.15 7.02 8.75
N GLY A 376 -6.48 6.31 9.64
CA GLY A 376 -5.67 6.95 10.64
C GLY A 376 -4.21 6.84 10.32
N PHE A 377 -3.51 7.93 10.56
CA PHE A 377 -2.07 7.94 10.41
C PHE A 377 -1.42 8.29 11.73
N ALA A 378 -0.38 7.54 12.06
CA ALA A 378 0.51 7.88 13.16
C ALA A 378 1.96 7.63 12.78
N VAL A 379 2.89 8.25 13.50
CA VAL A 379 4.31 7.97 13.26
C VAL A 379 4.60 6.52 13.63
N SER A 380 5.15 5.79 12.67
CA SER A 380 5.52 4.38 12.84
C SER A 380 6.73 4.24 13.76
N ALA A 381 6.66 3.31 14.71
CA ALA A 381 7.81 2.99 15.54
C ALA A 381 9.00 2.39 14.76
N CYS A 382 8.77 1.96 13.52
CA CYS A 382 9.83 1.28 12.77
C CYS A 382 10.32 2.07 11.58
N HIS A 383 9.83 3.29 11.38
CA HIS A 383 10.22 3.97 10.14
C HIS A 383 11.70 4.34 10.11
N VAL A 384 12.28 4.21 8.93
CA VAL A 384 13.68 4.50 8.68
C VAL A 384 13.94 6.02 8.74
N HIS A 385 14.72 6.43 9.73
CA HIS A 385 15.04 7.85 9.91
C HIS A 385 16.48 8.09 10.36
N ASP A 386 17.12 9.08 9.74
CA ASP A 386 18.41 9.58 10.20
C ASP A 386 18.25 10.47 11.44
N GLU A 387 19.38 11.00 11.93
CA GLU A 387 19.46 11.67 13.24
C GLU A 387 19.05 13.16 13.24
N PHE A 388 18.66 13.66 12.07
CA PHE A 388 18.36 15.08 11.89
C PHE A 388 16.88 15.32 11.59
N ARG A 389 16.28 14.42 10.82
CA ARG A 389 14.89 14.55 10.43
C ARG A 389 14.14 13.27 10.75
N THR A 390 12.85 13.41 11.11
CA THR A 390 11.99 12.26 11.37
C THR A 390 10.63 12.39 10.69
N ALA A 391 10.02 11.27 10.32
CA ALA A 391 8.66 11.32 9.75
C ALA A 391 7.69 11.85 10.80
N ALA A 392 6.66 12.55 10.36
CA ALA A 392 5.83 13.29 11.31
C ALA A 392 4.36 13.27 10.92
N VAL A 393 3.52 13.30 11.93
CA VAL A 393 2.09 13.51 11.75
C VAL A 393 1.67 14.58 12.74
N GLU A 394 1.13 15.67 12.23
CA GLU A 394 0.90 16.86 13.04
C GLU A 394 -0.45 17.47 12.72
N GLY A 395 -1.08 18.06 13.73
CA GLY A 395 -2.34 18.79 13.61
C GLY A 395 -2.69 19.49 14.93
N PRO A 396 -3.80 20.25 14.96
CA PRO A 396 -4.64 20.50 13.78
C PRO A 396 -4.19 21.73 13.01
N PHE A 397 -4.49 21.76 11.72
CA PHE A 397 -4.27 22.94 10.89
C PHE A 397 -5.61 23.44 10.43
N VAL A 398 -5.67 24.73 10.10
CA VAL A 398 -6.88 25.31 9.57
C VAL A 398 -6.77 25.34 8.07
N THR A 399 -7.65 24.61 7.39
CA THR A 399 -7.67 24.63 5.93
C THR A 399 -9.09 24.81 5.47
N LEU A 400 -9.31 25.87 4.71
CA LEU A 400 -10.62 26.18 4.15
C LEU A 400 -10.86 25.52 2.78
N ASP A 401 -12.12 25.21 2.49
CA ASP A 401 -12.59 24.76 1.19
C ASP A 401 -12.02 23.40 0.78
N MET A 402 -11.84 22.51 1.76
CA MET A 402 -11.30 21.19 1.53
C MET A 402 -12.24 20.32 0.66
N GLU A 403 -13.53 20.60 0.70
CA GLU A 403 -14.51 19.87 -0.08
C GLU A 403 -14.25 20.10 -1.56
N ASP A 404 -13.83 21.32 -1.90
CA ASP A 404 -13.45 21.65 -3.27
C ASP A 404 -12.24 20.89 -3.81
N CYS A 405 -11.47 20.25 -2.94
CA CYS A 405 -10.26 19.56 -3.41
C CYS A 405 -10.56 18.20 -4.05
N GLY A 406 -11.75 17.67 -3.81
CA GLY A 406 -12.19 16.42 -4.39
C GLY A 406 -12.75 16.58 -5.79
N TYR A 407 -12.39 15.67 -6.68
CA TYR A 407 -12.87 15.72 -8.06
C TYR A 407 -14.24 15.07 -8.24
N ASN A 408 -15.03 15.64 -9.15
CA ASN A 408 -16.28 15.04 -9.61
C ASN A 408 -16.35 15.10 -11.14
I IOD B . -0.66 -19.14 -14.12
I IOD C . 4.72 -14.32 -16.92
I IOD D . -12.40 3.29 17.41
I IOD E . -1.14 14.25 -17.78
C1 GOL F . -9.17 -3.55 18.55
O1 GOL F . -10.52 -3.43 18.16
C2 GOL F . -8.52 -2.28 19.12
O2 GOL F . -7.17 -2.32 18.82
C3 GOL F . -9.10 -0.91 18.71
O3 GOL F . -8.44 0.09 19.49
C1 GOL G . 3.04 -26.28 2.62
O1 GOL G . 4.02 -25.51 1.96
C2 GOL G . 1.64 -25.85 2.17
O2 GOL G . 0.66 -26.56 2.88
C3 GOL G . 1.43 -26.07 0.66
O3 GOL G . 0.57 -25.08 0.17
C1 GOL H . 1.65 -27.58 -4.34
O1 GOL H . 1.99 -26.37 -3.71
C2 GOL H . 2.85 -28.52 -4.36
O2 GOL H . 3.95 -27.88 -4.97
C3 GOL H . 2.51 -29.74 -5.21
O3 GOL H . 3.33 -30.83 -4.84
C1 GUC I . 5.93 -4.78 -7.04
C2 GUC I . 5.21 -4.44 -5.75
C3 GUC I . 5.87 -3.70 -4.76
C4 GUC I . 5.22 -3.36 -3.56
C5 GUC I . 3.92 -3.79 -3.35
C6 GUC I . 3.81 -4.87 -5.46
N1 GUC I . 3.26 -4.51 -4.28
N2 GUC I . 1.66 -5.42 -6.44
N3 GUC I . -0.87 -1.38 -10.65
C7 GUC I . 2.99 -5.68 -6.43
C8 GUC I . 0.76 -5.89 -7.33
C9 GUC I . 1.06 -6.92 -8.23
C10 GUC I . 0.10 -7.37 -9.13
C11 GUC I . -1.17 -6.80 -9.15
C12 GUC I . -1.51 -5.69 -8.19
C13 GUC I . -0.50 -5.30 -7.33
C14 GUC I . -2.89 -5.03 -8.17
C15 GUC I . -3.99 -6.09 -8.09
N6 GUC I . 6.49 -2.12 -1.85
C23 GUC I . 5.86 -2.70 -2.63
O GUC I . 3.52 -6.55 -7.12
F1 GUC I . -2.09 -7.27 -10.03
N5 GUC I . -3.06 -4.08 -7.04
C22 GUC I . -2.57 -2.91 -6.99
N4 GUC I . -2.56 -2.18 -5.87
C18 GUC I . -1.96 -2.34 -8.24
C19 GUC I . -1.16 -1.20 -8.26
C20 GUC I . -0.64 -0.75 -9.48
C21 GUC I . -1.63 -2.51 -10.74
F2 GUC I . -1.84 -3.13 -11.92
C17 GUC I . -2.23 -3.06 -9.50
C16 GUC I . -3.08 -4.31 -9.49
#